data_8XIK
#
_entry.id   8XIK
#
_cell.length_a   1.00
_cell.length_b   1.00
_cell.length_c   1.00
_cell.angle_alpha   90.00
_cell.angle_beta   90.00
_cell.angle_gamma   90.00
#
_symmetry.space_group_name_H-M   'P 1'
#
loop_
_entity.id
_entity.type
_entity.pdbx_description
1 polymer 'GPI-anchored wall transfer protein 1'
2 non-polymer 3-[3-[[4-(pyridin-2-yloxymethyl)phenyl]methyl]-1,2-oxazol-5-yl]pyridin-2-amine
#
_entity_poly.entity_id   1
_entity_poly.type   'polypeptide(L)'
_entity_poly.pdbx_seq_one_letter_code
;MSTLKQRKEDFVTGLNGGSITEINAVTSIALVTYISWNLLKNSNLMPPGISSVQYIIDFALNWVALLLSITIYASEPYLL
NTLILLPCLLAFIYGKFTSSSKPSNPIYNKKKMITQRFQLEKKPYITAYRGGMLILTAIAILAVDFPIFPRRFAKVETWG
TSLMDLGVGSFVFSNGIVSSRALLKNLSLKSKPSFLKNAFNALKSGGTLLFLGLLRLFFVKNLEYQEHVTEYGVHWNFFI
TLSLLPLVLTFIDPVTRMVPRCSIAIFISCIYEWLLLKDDRTLNFLILADRNCFFSANREGIFSFLGYCSIFLWGQNTGF
YLLGNKPTLNNLYKPSTQDVVAASKKSSTWDYWTSVTPLSGLCIWSTIFLVISQLVFQYHPYSVSRRFANLPYTLWVITY
NLLFLTGYCLTDKIFGNSSEYYKVAECLESINSNGLFLFLLANVSTGLVNMSMVTIDSSPLKSFLVLLAYCSFIAVISVF
LYRKRIFIKL
;
_entity_poly.pdbx_strand_id   A
#
loop_
_chem_comp.id
_chem_comp.type
_chem_comp.name
_chem_comp.formula
A1LVI non-polymer 3-[3-[[4-(pyridin-2-yloxymethyl)phenyl]methyl]-1,2-oxazol-5-yl]pyridin-2-amine 'C21 H18 N4 O2'
#
# COMPACT_ATOMS: atom_id res chain seq x y z
N GLY A 14 -9.22 -12.91 -18.85
CA GLY A 14 -9.61 -12.10 -17.72
C GLY A 14 -10.60 -12.79 -16.81
N LEU A 15 -11.50 -13.57 -17.40
CA LEU A 15 -12.52 -14.37 -16.72
C LEU A 15 -13.48 -13.52 -15.90
N ASN A 16 -13.53 -12.21 -16.13
CA ASN A 16 -14.49 -11.25 -15.58
C ASN A 16 -14.20 -10.99 -14.10
N GLY A 17 -13.31 -11.73 -13.47
CA GLY A 17 -12.95 -11.47 -12.09
C GLY A 17 -13.98 -12.00 -11.09
N GLY A 18 -13.86 -11.49 -9.86
CA GLY A 18 -14.70 -11.97 -8.78
C GLY A 18 -15.22 -10.83 -7.93
N SER A 19 -16.02 -11.19 -6.93
CA SER A 19 -16.67 -10.21 -6.08
C SER A 19 -15.68 -9.61 -5.07
N ILE A 20 -16.09 -8.49 -4.47
CA ILE A 20 -15.23 -7.77 -3.54
C ILE A 20 -15.17 -8.48 -2.19
N THR A 21 -16.31 -9.00 -1.73
CA THR A 21 -16.38 -9.59 -0.40
C THR A 21 -15.40 -10.75 -0.26
N GLU A 22 -15.24 -11.55 -1.31
CA GLU A 22 -14.23 -12.60 -1.30
C GLU A 22 -12.84 -12.01 -1.13
N ILE A 23 -12.57 -10.87 -1.77
CA ILE A 23 -11.26 -10.24 -1.65
C ILE A 23 -11.00 -9.82 -0.20
N ASN A 24 -12.00 -9.19 0.43
CA ASN A 24 -11.82 -8.77 1.82
C ASN A 24 -11.62 -9.98 2.73
N ALA A 25 -12.40 -11.05 2.52
CA ALA A 25 -12.26 -12.24 3.35
C ALA A 25 -10.88 -12.86 3.18
N VAL A 26 -10.35 -12.86 1.95
CA VAL A 26 -9.03 -13.41 1.71
C VAL A 26 -7.96 -12.56 2.38
N THR A 27 -8.06 -11.24 2.26
CA THR A 27 -6.98 -10.35 2.75
C THR A 27 -6.99 -10.19 4.27
N SER A 28 -8.13 -10.37 4.95
CA SER A 28 -8.15 -10.12 6.39
C SER A 28 -7.14 -10.97 7.17
N ILE A 29 -6.53 -11.96 6.52
CA ILE A 29 -5.63 -12.87 7.22
C ILE A 29 -4.42 -12.14 7.78
N ALA A 30 -3.97 -11.10 7.09
CA ALA A 30 -2.81 -10.31 7.57
C ALA A 30 -3.14 -9.74 8.95
N LEU A 31 -4.26 -9.05 9.07
CA LEU A 31 -4.66 -8.44 10.34
C LEU A 31 -4.88 -9.51 11.41
N VAL A 32 -5.48 -10.65 11.03
CA VAL A 32 -5.71 -11.71 12.00
C VAL A 32 -4.39 -12.23 12.56
N THR A 33 -3.40 -12.44 11.67
CA THR A 33 -2.11 -12.92 12.12
C THR A 33 -1.40 -11.89 13.00
N TYR A 34 -1.53 -10.60 12.66
CA TYR A 34 -0.92 -9.57 13.49
C TYR A 34 -1.50 -9.59 14.90
N ILE A 35 -2.83 -9.69 15.00
CA ILE A 35 -3.47 -9.73 16.32
C ILE A 35 -3.02 -10.97 17.09
N SER A 36 -2.97 -12.12 16.40
CA SER A 36 -2.55 -13.35 17.07
C SER A 36 -1.11 -13.24 17.57
N TRP A 37 -0.23 -12.64 16.77
CA TRP A 37 1.16 -12.47 17.19
C TRP A 37 1.27 -11.57 18.40
N ASN A 38 0.51 -10.47 18.43
CA ASN A 38 0.53 -9.60 19.60
C ASN A 38 0.02 -10.32 20.83
N LEU A 39 -1.03 -11.12 20.68
CA LEU A 39 -1.54 -11.90 21.81
C LEU A 39 -0.48 -12.89 22.32
N LEU A 40 0.21 -13.56 21.40
CA LEU A 40 1.24 -14.50 21.80
C LEU A 40 2.38 -13.79 22.53
N LYS A 41 2.78 -12.61 22.04
CA LYS A 41 3.84 -11.86 22.71
C LYS A 41 3.43 -11.45 24.11
N ASN A 42 2.17 -11.05 24.30
CA ASN A 42 1.73 -10.64 25.62
C ASN A 42 1.34 -11.81 26.52
N SER A 43 1.31 -13.04 25.97
CA SER A 43 0.84 -14.18 26.77
C SER A 43 1.84 -14.57 27.86
N ASN A 44 3.08 -14.12 27.75
CA ASN A 44 4.16 -14.28 28.72
C ASN A 44 4.69 -15.71 28.81
N LEU A 45 4.06 -16.69 28.15
CA LEU A 45 4.58 -18.05 28.25
C LEU A 45 5.84 -18.24 27.43
N MET A 46 5.94 -17.54 26.30
CA MET A 46 7.06 -17.71 25.39
C MET A 46 8.35 -17.24 26.05
N PRO A 47 9.40 -18.06 26.03
CA PRO A 47 10.58 -17.83 26.89
C PRO A 47 11.32 -16.55 26.53
N PRO A 48 11.88 -15.86 27.52
CA PRO A 48 12.39 -14.50 27.28
C PRO A 48 13.50 -14.41 26.24
N GLY A 49 14.54 -15.24 26.36
CA GLY A 49 15.63 -15.19 25.42
C GLY A 49 15.20 -15.64 24.02
N ILE A 50 15.85 -15.05 23.02
CA ILE A 50 15.56 -15.42 21.64
C ILE A 50 16.19 -16.77 21.32
N SER A 51 15.49 -17.57 20.52
CA SER A 51 15.94 -18.91 20.18
C SER A 51 15.26 -19.35 18.90
N SER A 52 15.44 -20.62 18.54
CA SER A 52 14.85 -21.14 17.31
C SER A 52 13.33 -21.15 17.38
N VAL A 53 12.76 -21.21 18.59
CA VAL A 53 11.32 -21.25 18.74
C VAL A 53 10.68 -19.98 18.22
N GLN A 54 11.28 -18.82 18.55
CA GLN A 54 10.74 -17.55 18.08
C GLN A 54 10.80 -17.46 16.56
N TYR A 55 11.91 -17.87 15.96
CA TYR A 55 12.04 -17.81 14.51
C TYR A 55 11.05 -18.73 13.83
N ILE A 56 10.88 -19.95 14.35
CA ILE A 56 9.93 -20.88 13.76
C ILE A 56 8.51 -20.33 13.85
N ILE A 57 8.15 -19.78 15.00
CA ILE A 57 6.81 -19.23 15.17
C ILE A 57 6.58 -18.06 14.22
N ASP A 58 7.56 -17.18 14.11
CA ASP A 58 7.43 -16.01 13.23
C ASP A 58 7.28 -16.44 11.77
N PHE A 59 8.10 -17.40 11.34
CA PHE A 59 8.01 -17.89 9.97
C PHE A 59 6.66 -18.54 9.70
N ALA A 60 6.16 -19.34 10.64
CA ALA A 60 4.88 -19.99 10.46
C ALA A 60 3.74 -18.97 10.40
N LEU A 61 3.80 -17.93 11.25
CA LEU A 61 2.71 -16.98 11.31
C LEU A 61 2.69 -16.06 10.09
N ASN A 62 3.86 -15.61 9.63
CA ASN A 62 3.89 -14.56 8.62
C ASN A 62 3.87 -15.11 7.19
N TRP A 63 4.75 -16.07 6.89
CA TRP A 63 4.90 -16.53 5.52
C TRP A 63 3.95 -17.68 5.17
N VAL A 64 3.88 -18.70 6.02
CA VAL A 64 3.11 -19.89 5.68
C VAL A 64 1.62 -19.59 5.65
N ALA A 65 1.14 -18.77 6.58
CA ALA A 65 -0.30 -18.50 6.67
C ALA A 65 -0.81 -17.81 5.41
N LEU A 66 -0.08 -16.81 4.90
CA LEU A 66 -0.52 -16.11 3.71
C LEU A 66 -0.54 -17.03 2.50
N LEU A 67 0.49 -17.86 2.35
CA LEU A 67 0.53 -18.80 1.24
C LEU A 67 -0.61 -19.80 1.31
N LEU A 68 -0.93 -20.28 2.51
CA LEU A 68 -2.06 -21.19 2.65
C LEU A 68 -3.38 -20.48 2.32
N SER A 69 -3.51 -19.22 2.72
CA SER A 69 -4.74 -18.48 2.44
C SER A 69 -4.93 -18.25 0.94
N ILE A 70 -3.86 -17.93 0.23
CA ILE A 70 -4.00 -17.51 -1.16
C ILE A 70 -4.37 -18.70 -2.05
N THR A 71 -3.74 -19.86 -1.85
CA THR A 71 -3.79 -20.93 -2.83
C THR A 71 -4.62 -22.13 -2.39
N ILE A 72 -4.27 -22.76 -1.27
CA ILE A 72 -4.92 -24.01 -0.90
C ILE A 72 -6.27 -23.75 -0.24
N TYR A 73 -6.30 -22.85 0.74
CA TYR A 73 -7.52 -22.56 1.48
C TYR A 73 -8.23 -21.30 0.99
N ALA A 74 -8.14 -21.01 -0.31
CA ALA A 74 -8.86 -19.86 -0.85
C ALA A 74 -10.36 -20.09 -0.86
N SER A 75 -10.79 -21.34 -0.97
CA SER A 75 -12.22 -21.64 -1.05
C SER A 75 -12.92 -21.34 0.27
N GLU A 76 -12.29 -21.68 1.40
CA GLU A 76 -12.89 -21.50 2.72
C GLU A 76 -11.92 -20.73 3.62
N PRO A 77 -11.82 -19.41 3.42
CA PRO A 77 -10.88 -18.63 4.23
C PRO A 77 -11.30 -18.46 5.68
N TYR A 78 -12.61 -18.25 5.89
CA TYR A 78 -13.11 -17.90 7.22
C TYR A 78 -12.65 -18.89 8.28
N LEU A 79 -12.87 -20.18 8.03
CA LEU A 79 -12.46 -21.20 8.98
C LEU A 79 -11.00 -21.05 9.35
N LEU A 80 -10.14 -20.87 8.34
CA LEU A 80 -8.71 -20.72 8.58
C LEU A 80 -8.45 -19.64 9.63
N ASN A 81 -9.11 -18.49 9.47
CA ASN A 81 -8.89 -17.38 10.39
C ASN A 81 -9.13 -17.81 11.83
N THR A 82 -10.23 -18.52 12.07
CA THR A 82 -10.52 -18.95 13.43
C THR A 82 -9.42 -19.85 13.96
N LEU A 83 -8.94 -20.78 13.13
CA LEU A 83 -7.89 -21.68 13.59
C LEU A 83 -6.59 -20.95 13.86
N ILE A 84 -6.46 -19.70 13.43
CA ILE A 84 -5.30 -18.90 13.80
C ILE A 84 -5.55 -18.13 15.09
N LEU A 85 -6.79 -17.72 15.34
CA LEU A 85 -7.06 -16.83 16.46
C LEU A 85 -7.44 -17.58 17.73
N LEU A 86 -8.34 -18.56 17.64
CA LEU A 86 -8.87 -19.20 18.84
C LEU A 86 -7.80 -19.88 19.69
N PRO A 87 -6.87 -20.68 19.15
CA PRO A 87 -5.87 -21.31 20.02
C PRO A 87 -5.01 -20.30 20.77
N CYS A 88 -4.40 -19.37 20.02
CA CYS A 88 -3.50 -18.40 20.62
C CYS A 88 -4.18 -17.67 21.77
N LEU A 89 -5.42 -17.20 21.55
CA LEU A 89 -6.15 -16.49 22.59
C LEU A 89 -6.18 -17.30 23.89
N LEU A 90 -6.49 -18.60 23.78
CA LEU A 90 -6.50 -19.44 24.97
C LEU A 90 -5.16 -19.38 25.70
N ALA A 91 -4.07 -19.54 24.96
CA ALA A 91 -2.75 -19.46 25.57
C ALA A 91 -2.57 -18.12 26.29
N PHE A 92 -3.09 -17.05 25.70
CA PHE A 92 -3.03 -15.74 26.34
C PHE A 92 -3.59 -15.82 27.76
N ILE A 93 -4.80 -16.36 27.90
CA ILE A 93 -5.43 -16.41 29.21
C ILE A 93 -4.56 -17.16 30.20
N TYR A 94 -3.86 -18.20 29.72
CA TYR A 94 -3.05 -19.01 30.63
C TYR A 94 -2.02 -18.15 31.33
N GLY A 95 -1.37 -17.27 30.57
CA GLY A 95 -0.40 -16.38 31.19
C GLY A 95 -1.01 -15.55 32.29
N LYS A 96 -2.20 -15.01 32.06
CA LYS A 96 -2.80 -14.13 33.05
C LYS A 96 -3.14 -14.88 34.32
N PHE A 97 -3.11 -16.22 34.28
CA PHE A 97 -3.38 -16.98 35.50
C PHE A 97 -2.11 -17.52 36.15
N THR A 98 -0.98 -17.56 35.45
CA THR A 98 0.22 -18.02 36.13
C THR A 98 0.78 -16.94 37.04
N SER A 99 0.55 -15.68 36.69
CA SER A 99 1.03 -14.55 37.48
C SER A 99 -0.03 -14.17 38.51
N SER A 100 0.28 -14.39 39.79
CA SER A 100 -0.63 -14.03 40.87
C SER A 100 -0.64 -12.53 41.09
N ILE A 107 5.18 5.04 31.57
CA ILE A 107 4.20 6.05 31.95
C ILE A 107 4.22 7.19 30.93
N TYR A 108 3.14 7.97 30.91
CA TYR A 108 3.01 9.11 30.01
C TYR A 108 2.68 10.36 30.82
N ASN A 109 3.34 11.46 30.49
CA ASN A 109 3.22 12.71 31.25
C ASN A 109 2.77 13.83 30.32
N LYS A 110 1.79 14.62 30.78
CA LYS A 110 1.30 15.74 29.99
C LYS A 110 2.33 16.87 29.92
N LYS A 111 3.05 17.10 31.02
CA LYS A 111 4.08 18.13 31.01
C LYS A 111 5.18 17.80 30.02
N LYS A 112 5.53 16.52 29.88
CA LYS A 112 6.51 16.11 28.88
C LYS A 112 6.02 16.43 27.48
N MET A 113 4.72 16.22 27.21
CA MET A 113 4.16 16.58 25.92
C MET A 113 4.18 18.08 25.70
N ILE A 114 3.90 18.86 26.75
CA ILE A 114 3.91 20.32 26.63
C ILE A 114 5.30 20.83 26.29
N THR A 115 6.32 20.31 27.00
CA THR A 115 7.69 20.79 26.82
C THR A 115 8.31 20.30 25.51
N GLN A 116 7.98 19.08 25.09
CA GLN A 116 8.56 18.54 23.87
C GLN A 116 8.02 19.28 22.64
N ARG A 117 8.92 19.54 21.68
CA ARG A 117 8.56 20.22 20.45
C ARG A 117 8.00 19.24 19.43
N PHE A 118 7.88 19.70 18.19
CA PHE A 118 7.32 18.88 17.13
C PHE A 118 8.43 18.14 16.38
N GLN A 119 8.41 16.81 16.46
CA GLN A 119 9.34 15.97 15.72
C GLN A 119 8.59 14.79 15.14
N LEU A 120 9.17 14.20 14.10
CA LEU A 120 8.59 13.03 13.46
C LEU A 120 8.94 11.78 14.27
N GLU A 121 7.96 10.89 14.42
CA GLU A 121 8.14 9.65 15.15
C GLU A 121 7.64 8.47 14.34
N LYS A 122 8.44 7.41 14.30
CA LYS A 122 8.08 6.20 13.57
C LYS A 122 6.97 5.46 14.31
N LYS A 123 6.14 4.76 13.55
CA LYS A 123 5.03 4.03 14.14
C LYS A 123 5.05 2.57 13.73
N PRO A 124 4.65 1.65 14.61
CA PRO A 124 4.75 0.22 14.26
C PRO A 124 3.74 -0.21 13.20
N TYR A 125 2.52 0.34 13.22
CA TYR A 125 1.49 -0.17 12.33
C TYR A 125 1.82 0.13 10.87
N ILE A 126 2.49 1.25 10.59
CA ILE A 126 2.91 1.53 9.21
C ILE A 126 3.92 0.48 8.75
N THR A 127 4.86 0.12 9.62
CA THR A 127 5.83 -0.91 9.28
C THR A 127 5.14 -2.24 9.01
N ALA A 128 4.18 -2.62 9.86
CA ALA A 128 3.45 -3.87 9.64
C ALA A 128 2.67 -3.83 8.33
N TYR A 129 2.03 -2.69 8.08
CA TYR A 129 1.25 -2.53 6.83
C TYR A 129 2.17 -2.77 5.62
N ARG A 130 3.28 -2.03 5.54
CA ARG A 130 4.16 -2.15 4.38
C ARG A 130 4.75 -3.55 4.26
N GLY A 131 5.14 -4.15 5.39
CA GLY A 131 5.68 -5.50 5.34
C GLY A 131 4.68 -6.52 4.81
N GLY A 132 3.44 -6.46 5.31
CA GLY A 132 2.42 -7.36 4.80
C GLY A 132 2.15 -7.15 3.32
N MET A 133 2.08 -5.89 2.90
CA MET A 133 1.84 -5.59 1.47
C MET A 133 2.96 -6.22 0.64
N LEU A 134 4.21 -5.98 1.01
CA LEU A 134 5.34 -6.49 0.22
C LEU A 134 5.36 -8.01 0.20
N ILE A 135 5.08 -8.66 1.33
CA ILE A 135 5.07 -10.11 1.38
C ILE A 135 3.99 -10.67 0.47
N LEU A 136 2.79 -10.07 0.54
CA LEU A 136 1.67 -10.55 -0.30
C LEU A 136 2.10 -10.46 -1.77
N THR A 137 2.52 -9.28 -2.19
CA THR A 137 2.99 -9.09 -3.59
C THR A 137 4.00 -10.18 -3.94
N ALA A 138 5.08 -10.30 -3.17
CA ALA A 138 6.13 -11.25 -3.52
C ALA A 138 5.58 -12.65 -3.68
N ILE A 139 4.62 -13.04 -2.84
CA ILE A 139 4.02 -14.37 -2.96
C ILE A 139 3.20 -14.46 -4.24
N ALA A 140 2.37 -13.45 -4.50
CA ALA A 140 1.45 -13.52 -5.64
C ALA A 140 2.20 -13.54 -6.97
N ILE A 141 3.31 -12.81 -7.03
CA ILE A 141 4.08 -12.72 -8.31
C ILE A 141 4.42 -14.13 -8.79
N LEU A 142 4.97 -14.98 -7.91
CA LEU A 142 5.27 -16.35 -8.31
C LEU A 142 4.03 -17.22 -8.37
N ALA A 143 3.06 -17.00 -7.47
CA ALA A 143 1.91 -17.88 -7.40
C ALA A 143 1.02 -17.80 -8.64
N VAL A 144 1.10 -16.71 -9.40
CA VAL A 144 0.19 -16.53 -10.53
C VAL A 144 0.34 -17.64 -11.57
N ASP A 145 1.54 -18.19 -11.70
CA ASP A 145 1.80 -19.13 -12.79
C ASP A 145 1.22 -20.51 -12.51
N PHE A 146 1.27 -20.96 -11.26
CA PHE A 146 0.97 -22.35 -10.94
C PHE A 146 -0.53 -22.62 -10.97
N PRO A 147 -0.93 -23.88 -11.21
CA PRO A 147 -2.37 -24.17 -11.34
C PRO A 147 -3.14 -24.07 -10.04
N ILE A 148 -2.48 -24.27 -8.89
CA ILE A 148 -3.21 -24.26 -7.62
C ILE A 148 -3.78 -22.88 -7.33
N PHE A 149 -3.22 -21.84 -7.93
CA PHE A 149 -3.72 -20.49 -7.75
C PHE A 149 -5.05 -20.32 -8.48
N PRO A 150 -6.11 -19.89 -7.80
CA PRO A 150 -7.42 -19.81 -8.47
C PRO A 150 -7.41 -18.82 -9.62
N ARG A 151 -8.15 -19.17 -10.67
CA ARG A 151 -8.17 -18.34 -11.88
C ARG A 151 -9.01 -17.08 -11.74
N ARG A 152 -9.92 -17.03 -10.75
CA ARG A 152 -10.72 -15.84 -10.55
C ARG A 152 -9.89 -14.65 -10.09
N PHE A 153 -8.70 -14.90 -9.54
CA PHE A 153 -7.85 -13.81 -9.05
C PHE A 153 -6.99 -13.19 -10.14
N ALA A 154 -7.04 -13.71 -11.36
CA ALA A 154 -6.23 -13.14 -12.44
C ALA A 154 -6.75 -11.76 -12.82
N LYS A 155 -5.87 -10.96 -13.40
CA LYS A 155 -6.21 -9.60 -13.77
C LYS A 155 -7.30 -9.58 -14.84
N VAL A 156 -8.18 -8.58 -14.76
CA VAL A 156 -9.31 -8.49 -15.68
C VAL A 156 -8.90 -7.69 -16.91
N GLU A 157 -9.62 -7.91 -18.02
CA GLU A 157 -9.21 -7.35 -19.30
C GLU A 157 -9.62 -5.88 -19.43
N THR A 158 -10.92 -5.60 -19.46
CA THR A 158 -11.40 -4.21 -19.60
C THR A 158 -12.24 -3.77 -18.41
N TRP A 159 -13.30 -4.51 -18.07
CA TRP A 159 -14.16 -4.17 -16.94
C TRP A 159 -14.20 -5.34 -15.96
N GLY A 160 -13.97 -5.07 -14.70
CA GLY A 160 -14.10 -6.08 -13.67
C GLY A 160 -13.24 -5.76 -12.47
N THR A 161 -13.38 -6.62 -11.46
CA THR A 161 -12.64 -6.52 -10.21
C THR A 161 -11.88 -7.80 -9.96
N SER A 162 -10.65 -7.67 -9.48
CA SER A 162 -9.80 -8.82 -9.21
C SER A 162 -8.79 -8.46 -8.15
N LEU A 163 -8.14 -9.48 -7.56
CA LEU A 163 -7.19 -9.24 -6.45
C LEU A 163 -5.91 -8.58 -6.97
N MET A 164 -5.60 -8.74 -8.26
CA MET A 164 -4.30 -8.21 -8.77
C MET A 164 -4.47 -6.79 -9.30
N ASP A 165 -5.60 -6.13 -9.02
CA ASP A 165 -5.77 -4.74 -9.42
C ASP A 165 -5.53 -3.75 -8.29
N LEU A 166 -5.40 -4.26 -7.07
CA LEU A 166 -5.27 -3.35 -5.89
C LEU A 166 -3.79 -3.15 -5.58
N GLY A 167 -2.91 -3.92 -6.21
CA GLY A 167 -1.48 -3.83 -5.87
C GLY A 167 -0.91 -2.46 -6.19
N VAL A 168 -1.29 -1.87 -7.34
CA VAL A 168 -0.70 -0.57 -7.75
C VAL A 168 -1.25 0.53 -6.85
N GLY A 169 -2.57 0.64 -6.74
CA GLY A 169 -3.23 1.64 -5.93
C GLY A 169 -2.66 1.70 -4.52
N SER A 170 -2.48 0.52 -3.92
CA SER A 170 -1.87 0.47 -2.57
C SER A 170 -0.49 1.10 -2.61
N PHE A 171 0.34 0.72 -3.58
CA PHE A 171 1.70 1.25 -3.66
C PHE A 171 1.71 2.76 -3.79
N VAL A 172 0.84 3.31 -4.65
CA VAL A 172 0.78 4.76 -4.81
C VAL A 172 0.35 5.42 -3.50
N PHE A 173 -0.64 4.84 -2.82
CA PHE A 173 -1.11 5.37 -1.54
C PHE A 173 0.03 5.41 -0.53
N SER A 174 0.77 4.30 -0.42
CA SER A 174 1.86 4.23 0.56
C SER A 174 2.97 5.22 0.23
N ASN A 175 3.31 5.36 -1.06
CA ASN A 175 4.35 6.32 -1.42
C ASN A 175 3.94 7.75 -1.11
N GLY A 176 2.67 8.09 -1.35
CA GLY A 176 2.21 9.42 -0.97
C GLY A 176 2.28 9.64 0.52
N ILE A 177 1.85 8.65 1.30
CA ILE A 177 1.92 8.75 2.75
C ILE A 177 3.36 8.98 3.20
N VAL A 178 4.30 8.26 2.59
CA VAL A 178 5.71 8.41 2.97
C VAL A 178 6.22 9.81 2.61
N SER A 179 5.90 10.30 1.41
CA SER A 179 6.38 11.62 1.00
C SER A 179 5.80 12.74 1.85
N SER A 180 4.66 12.50 2.50
CA SER A 180 4.13 13.49 3.43
C SER A 180 5.15 13.87 4.51
N ARG A 181 5.97 12.92 4.94
CA ARG A 181 6.95 13.22 5.98
C ARG A 181 8.04 14.15 5.45
N ALA A 182 8.46 13.96 4.21
CA ALA A 182 9.42 14.89 3.61
C ALA A 182 8.82 16.27 3.50
N LEU A 183 7.54 16.34 3.14
CA LEU A 183 6.86 17.64 3.07
C LEU A 183 6.87 18.33 4.44
N LEU A 184 6.51 17.59 5.49
CA LEU A 184 6.48 18.18 6.83
C LEU A 184 7.87 18.63 7.27
N LYS A 185 8.89 17.80 7.03
CA LYS A 185 10.23 18.14 7.45
C LYS A 185 10.74 19.37 6.72
N ASN A 186 10.44 19.48 5.43
CA ASN A 186 10.79 20.70 4.69
C ASN A 186 10.10 21.90 5.30
N LEU A 187 8.80 21.76 5.64
CA LEU A 187 8.07 22.89 6.20
C LEU A 187 8.66 23.32 7.55
N SER A 188 9.18 22.36 8.32
CA SER A 188 9.75 22.69 9.62
C SER A 188 10.94 23.63 9.49
N LEU A 189 11.68 23.55 8.38
CA LEU A 189 12.87 24.36 8.18
C LEU A 189 12.50 25.84 8.06
N LYS A 190 13.33 26.69 8.67
CA LYS A 190 12.99 28.11 8.76
C LYS A 190 13.17 28.83 7.42
N SER A 191 14.08 28.33 6.59
CA SER A 191 14.37 28.96 5.30
C SER A 191 13.71 28.16 4.18
N LYS A 192 12.97 28.85 3.32
CA LYS A 192 12.28 28.16 2.24
C LYS A 192 13.27 27.74 1.17
N PRO A 193 13.30 26.47 0.78
CA PRO A 193 14.20 26.05 -0.29
C PRO A 193 13.76 26.58 -1.64
N SER A 194 14.73 26.74 -2.54
CA SER A 194 14.44 27.24 -3.88
C SER A 194 13.66 26.21 -4.68
N PHE A 195 12.86 26.71 -5.62
CA PHE A 195 12.02 25.84 -6.44
C PHE A 195 12.87 24.91 -7.30
N LEU A 196 13.94 25.43 -7.90
CA LEU A 196 14.82 24.60 -8.71
C LEU A 196 15.51 23.53 -7.87
N LYS A 197 15.83 23.84 -6.61
CA LYS A 197 16.39 22.83 -5.73
C LYS A 197 15.39 21.70 -5.49
N ASN A 198 14.11 22.06 -5.31
CA ASN A 198 13.08 21.03 -5.16
C ASN A 198 12.97 20.18 -6.41
N ALA A 199 13.03 20.80 -7.59
CA ALA A 199 12.99 20.05 -8.83
C ALA A 199 14.18 19.09 -8.93
N PHE A 200 15.36 19.57 -8.54
CA PHE A 200 16.55 18.72 -8.57
C PHE A 200 16.43 17.55 -7.60
N ASN A 201 15.89 17.80 -6.40
CA ASN A 201 15.67 16.72 -5.45
C ASN A 201 14.69 15.69 -5.99
N ALA A 202 13.62 16.15 -6.64
CA ALA A 202 12.67 15.22 -7.23
C ALA A 202 13.33 14.39 -8.34
N LEU A 203 14.15 15.04 -9.17
CA LEU A 203 14.84 14.32 -10.22
C LEU A 203 15.80 13.28 -9.64
N LYS A 204 16.52 13.64 -8.58
CA LYS A 204 17.43 12.70 -7.94
C LYS A 204 16.66 11.52 -7.35
N SER A 205 15.49 11.79 -6.76
CA SER A 205 14.68 10.71 -6.21
C SER A 205 14.19 9.77 -7.30
N GLY A 206 13.74 10.32 -8.43
CA GLY A 206 13.20 9.52 -9.50
C GLY A 206 14.19 8.96 -10.49
N GLY A 207 15.47 9.32 -10.36
CA GLY A 207 16.46 8.87 -11.34
C GLY A 207 16.61 7.36 -11.38
N THR A 208 16.63 6.71 -10.23
CA THR A 208 16.79 5.26 -10.21
C THR A 208 15.60 4.57 -10.87
N LEU A 209 14.39 5.03 -10.60
CA LEU A 209 13.20 4.44 -11.22
C LEU A 209 13.20 4.66 -12.72
N LEU A 210 13.57 5.87 -13.16
CA LEU A 210 13.63 6.15 -14.59
C LEU A 210 14.68 5.28 -15.27
N PHE A 211 15.84 5.12 -14.65
CA PHE A 211 16.90 4.29 -15.22
C PHE A 211 16.48 2.84 -15.31
N LEU A 212 15.82 2.33 -14.27
CA LEU A 212 15.33 0.96 -14.31
C LEU A 212 14.24 0.79 -15.37
N GLY A 213 13.41 1.81 -15.56
CA GLY A 213 12.42 1.74 -16.62
C GLY A 213 13.05 1.65 -18.00
N LEU A 214 14.07 2.47 -18.26
CA LEU A 214 14.76 2.40 -19.54
C LEU A 214 15.48 1.06 -19.71
N LEU A 215 16.07 0.53 -18.63
CA LEU A 215 16.72 -0.77 -18.72
C LEU A 215 15.71 -1.87 -19.04
N ARG A 216 14.54 -1.83 -18.40
CA ARG A 216 13.50 -2.81 -18.70
C ARG A 216 13.01 -2.68 -20.13
N LEU A 217 12.90 -1.44 -20.63
CA LEU A 217 12.52 -1.23 -22.02
C LEU A 217 13.52 -1.88 -22.97
N PHE A 218 14.81 -1.67 -22.73
CA PHE A 218 15.83 -2.26 -23.60
C PHE A 218 15.83 -3.77 -23.50
N PHE A 219 15.63 -4.30 -22.28
CA PHE A 219 15.56 -5.75 -22.12
C PHE A 219 14.35 -6.33 -22.84
N VAL A 220 13.27 -5.56 -22.92
CA VAL A 220 12.11 -5.98 -23.71
C VAL A 220 12.45 -5.97 -25.20
N LYS A 221 13.19 -4.95 -25.65
CA LYS A 221 13.65 -4.96 -27.04
C LYS A 221 14.45 -6.22 -27.34
N ASN A 222 15.36 -6.59 -26.43
CA ASN A 222 16.20 -7.76 -26.65
C ASN A 222 15.38 -9.04 -26.58
N LEU A 223 14.38 -9.09 -25.70
CA LEU A 223 13.58 -10.31 -25.54
C LEU A 223 12.69 -10.56 -26.75
N GLU A 224 11.99 -9.52 -27.21
CA GLU A 224 10.92 -9.67 -28.20
C GLU A 224 9.87 -10.67 -27.70
N TYR A 225 9.44 -10.49 -26.45
CA TYR A 225 8.55 -11.42 -25.78
C TYR A 225 7.10 -11.18 -26.22
N GLN A 226 6.17 -11.80 -25.49
CA GLN A 226 4.77 -11.75 -25.84
C GLN A 226 4.21 -10.34 -25.71
N GLU A 227 3.23 -10.02 -26.55
CA GLU A 227 2.63 -8.70 -26.57
C GLU A 227 1.71 -8.51 -25.36
N HIS A 228 1.84 -7.36 -24.70
CA HIS A 228 0.96 -6.93 -23.63
C HIS A 228 0.51 -5.49 -23.87
N VAL A 229 0.07 -5.21 -25.10
CA VAL A 229 -0.19 -3.83 -25.51
C VAL A 229 -1.31 -3.22 -24.69
N THR A 230 -2.38 -3.98 -24.46
CA THR A 230 -3.56 -3.42 -23.79
C THR A 230 -3.27 -3.08 -22.33
N GLU A 231 -2.15 -3.56 -21.78
CA GLU A 231 -1.86 -3.29 -20.38
C GLU A 231 -1.44 -1.84 -20.17
N TYR A 232 -0.36 -1.41 -20.84
CA TYR A 232 0.15 -0.05 -20.68
C TYR A 232 0.56 0.63 -21.98
N GLY A 233 0.45 -0.03 -23.12
CA GLY A 233 0.81 0.57 -24.39
C GLY A 233 2.15 0.03 -24.88
N VAL A 234 2.58 0.59 -26.02
CA VAL A 234 3.81 0.13 -26.66
C VAL A 234 5.02 0.43 -25.80
N HIS A 235 5.13 1.65 -25.29
CA HIS A 235 6.34 2.09 -24.60
C HIS A 235 6.16 2.34 -23.10
N TRP A 236 4.99 2.80 -22.67
CA TRP A 236 4.82 3.23 -21.30
C TRP A 236 4.90 2.05 -20.33
N ASN A 237 5.18 2.37 -19.07
CA ASN A 237 5.40 1.34 -18.05
C ASN A 237 5.13 1.95 -16.68
N PHE A 238 4.99 1.07 -15.69
CA PHE A 238 4.68 1.53 -14.33
C PHE A 238 5.79 2.38 -13.75
N PHE A 239 7.04 2.00 -14.00
CA PHE A 239 8.17 2.71 -13.41
C PHE A 239 8.22 4.17 -13.89
N ILE A 240 7.91 4.40 -15.17
CA ILE A 240 7.95 5.76 -15.69
C ILE A 240 6.93 6.64 -14.98
N THR A 241 5.71 6.13 -14.79
CA THR A 241 4.69 6.90 -14.09
C THR A 241 5.09 7.15 -12.64
N LEU A 242 5.64 6.14 -11.97
CA LEU A 242 6.06 6.30 -10.58
C LEU A 242 7.14 7.37 -10.46
N SER A 243 8.06 7.41 -11.44
CA SER A 243 9.12 8.42 -11.38
C SER A 243 8.60 9.80 -11.78
N LEU A 244 7.57 9.86 -12.62
CA LEU A 244 7.14 11.14 -13.16
C LEU A 244 6.13 11.86 -12.27
N LEU A 245 5.44 11.15 -11.37
CA LEU A 245 4.50 11.82 -10.48
C LEU A 245 5.10 12.96 -9.66
N PRO A 246 6.24 12.79 -8.98
CA PRO A 246 6.72 13.87 -8.10
C PRO A 246 7.02 15.18 -8.83
N LEU A 247 7.52 15.13 -10.06
CA LEU A 247 7.83 16.35 -10.79
C LEU A 247 6.57 17.18 -11.00
N VAL A 248 5.48 16.52 -11.42
CA VAL A 248 4.22 17.23 -11.60
C VAL A 248 3.71 17.75 -10.26
N LEU A 249 3.93 16.99 -9.18
CA LEU A 249 3.49 17.47 -7.87
C LEU A 249 4.21 18.76 -7.48
N THR A 250 5.53 18.81 -7.66
CA THR A 250 6.25 20.04 -7.34
C THR A 250 5.86 21.17 -8.27
N PHE A 251 5.54 20.86 -9.53
CA PHE A 251 5.05 21.89 -10.43
C PHE A 251 3.74 22.49 -9.91
N ILE A 252 2.85 21.65 -9.39
CA ILE A 252 1.54 22.10 -8.92
C ILE A 252 1.58 22.77 -7.56
N ASP A 253 2.57 22.43 -6.73
CA ASP A 253 2.58 22.87 -5.32
C ASP A 253 2.32 24.37 -5.18
N PRO A 254 2.90 25.25 -6.00
CA PRO A 254 2.50 26.65 -5.98
C PRO A 254 1.00 26.88 -5.88
N VAL A 255 0.19 26.17 -6.66
CA VAL A 255 -1.26 26.35 -6.56
C VAL A 255 -1.78 25.78 -5.25
N THR A 256 -1.25 24.64 -4.82
CA THR A 256 -1.70 24.04 -3.57
C THR A 256 -1.40 24.93 -2.37
N ARG A 257 -0.53 25.93 -2.53
CA ARG A 257 -0.35 26.91 -1.47
C ARG A 257 -1.63 27.71 -1.22
N MET A 258 -2.31 28.11 -2.30
CA MET A 258 -3.48 28.98 -2.15
C MET A 258 -4.73 28.20 -1.75
N VAL A 259 -4.92 26.99 -2.27
CA VAL A 259 -6.09 26.18 -1.94
C VAL A 259 -5.64 24.79 -1.51
N PRO A 260 -6.39 24.10 -0.66
CA PRO A 260 -5.92 22.80 -0.16
C PRO A 260 -5.83 21.76 -1.26
N ARG A 261 -5.04 20.71 -0.99
CA ARG A 261 -4.80 19.68 -1.99
C ARG A 261 -6.06 18.90 -2.32
N CYS A 262 -6.95 18.73 -1.34
CA CYS A 262 -8.16 17.94 -1.56
C CYS A 262 -9.03 18.55 -2.65
N SER A 263 -9.15 19.88 -2.65
CA SER A 263 -9.95 20.54 -3.69
C SER A 263 -9.35 20.34 -5.07
N ILE A 264 -8.01 20.37 -5.18
CA ILE A 264 -7.37 20.12 -6.46
C ILE A 264 -7.64 18.71 -6.94
N ALA A 265 -7.53 17.73 -6.03
CA ALA A 265 -7.80 16.34 -6.41
C ALA A 265 -9.24 16.18 -6.87
N ILE A 266 -10.19 16.79 -6.14
CA ILE A 266 -11.60 16.70 -6.50
C ILE A 266 -11.83 17.31 -7.88
N PHE A 267 -11.24 18.48 -8.13
CA PHE A 267 -11.42 19.15 -9.41
C PHE A 267 -10.87 18.32 -10.56
N ILE A 268 -9.68 17.74 -10.38
CA ILE A 268 -9.08 16.91 -11.43
C ILE A 268 -9.98 15.72 -11.73
N SER A 269 -10.44 15.02 -10.68
CA SER A 269 -11.26 13.84 -10.89
C SER A 269 -12.58 14.21 -11.57
N CYS A 270 -13.20 15.31 -11.16
CA CYS A 270 -14.45 15.72 -11.78
C CYS A 270 -14.26 16.06 -13.25
N ILE A 271 -13.18 16.76 -13.59
CA ILE A 271 -12.93 17.11 -14.98
C ILE A 271 -12.75 15.85 -15.82
N TYR A 272 -11.94 14.92 -15.31
CA TYR A 272 -11.71 13.68 -16.05
C TYR A 272 -13.00 12.90 -16.26
N GLU A 273 -13.82 12.77 -15.21
CA GLU A 273 -15.05 12.01 -15.33
C GLU A 273 -16.02 12.69 -16.29
N TRP A 274 -16.12 14.01 -16.25
CA TRP A 274 -17.00 14.70 -17.18
C TRP A 274 -16.55 14.49 -18.62
N LEU A 275 -15.23 14.55 -18.84
CA LEU A 275 -14.71 14.33 -20.19
C LEU A 275 -15.03 12.92 -20.67
N LEU A 276 -14.92 11.93 -19.78
CA LEU A 276 -15.20 10.55 -20.19
C LEU A 276 -16.69 10.31 -20.43
N LEU A 277 -17.55 10.95 -19.63
CA LEU A 277 -18.96 10.55 -19.62
C LEU A 277 -19.84 11.43 -20.49
N LYS A 278 -19.39 12.63 -20.86
CA LYS A 278 -20.26 13.56 -21.59
C LYS A 278 -20.68 12.99 -22.93
N ASP A 279 -19.79 12.29 -23.62
CA ASP A 279 -20.10 11.67 -24.90
C ASP A 279 -19.49 10.28 -24.96
N ASP A 280 -19.67 9.62 -26.11
CA ASP A 280 -19.18 8.27 -26.30
C ASP A 280 -18.03 8.20 -27.32
N ARG A 281 -17.84 9.23 -28.14
CA ARG A 281 -16.77 9.22 -29.11
C ARG A 281 -15.40 9.17 -28.45
N THR A 282 -15.28 9.75 -27.25
CA THR A 282 -14.01 9.65 -26.52
C THR A 282 -13.69 8.21 -26.18
N LEU A 283 -14.67 7.45 -25.69
CA LEU A 283 -14.46 6.05 -25.40
C LEU A 283 -14.17 5.26 -26.68
N ASN A 284 -14.89 5.57 -27.75
CA ASN A 284 -14.66 4.86 -29.01
C ASN A 284 -13.22 5.06 -29.49
N PHE A 285 -12.73 6.30 -29.44
CA PHE A 285 -11.34 6.55 -29.81
C PHE A 285 -10.38 5.86 -28.85
N LEU A 286 -10.68 5.88 -27.55
CA LEU A 286 -9.75 5.30 -26.60
C LEU A 286 -9.68 3.78 -26.74
N ILE A 287 -10.72 3.15 -27.29
CA ILE A 287 -10.75 1.70 -27.29
C ILE A 287 -10.38 1.12 -28.66
N LEU A 288 -10.96 1.67 -29.74
CA LEU A 288 -10.82 1.08 -31.07
C LEU A 288 -9.99 1.93 -32.03
N ALA A 289 -9.02 2.69 -31.55
CA ALA A 289 -8.20 3.50 -32.46
C ALA A 289 -6.96 2.75 -32.92
N ASP A 290 -6.54 3.04 -34.14
CA ASP A 290 -5.32 2.45 -34.67
C ASP A 290 -4.10 3.01 -33.95
N ARG A 291 -3.01 2.26 -34.03
CA ARG A 291 -1.73 2.73 -33.49
C ARG A 291 -0.81 3.12 -34.64
N ASN A 292 -0.85 4.40 -34.98
CA ASN A 292 -0.06 4.93 -36.09
C ASN A 292 1.02 5.89 -35.61
N CYS A 293 0.66 6.91 -34.84
CA CYS A 293 1.60 7.89 -34.31
C CYS A 293 1.87 7.62 -32.83
N PHE A 294 2.81 8.38 -32.26
CA PHE A 294 3.22 8.13 -30.89
C PHE A 294 2.09 8.31 -29.90
N PHE A 295 1.32 9.39 -30.05
CA PHE A 295 0.22 9.64 -29.10
C PHE A 295 -0.81 8.53 -29.15
N SER A 296 -1.06 7.98 -30.34
CA SER A 296 -2.02 6.88 -30.45
C SER A 296 -1.43 5.57 -29.95
N ALA A 297 -0.12 5.53 -29.67
CA ALA A 297 0.51 4.28 -29.28
C ALA A 297 0.48 4.08 -27.77
N ASN A 298 0.52 5.17 -27.00
CA ASN A 298 0.63 5.04 -25.56
C ASN A 298 -0.50 5.78 -24.84
N ARG A 299 -1.71 5.68 -25.36
CA ARG A 299 -2.82 6.47 -24.84
C ARG A 299 -3.22 6.02 -23.43
N GLU A 300 -3.13 4.72 -23.16
CA GLU A 300 -3.65 4.19 -21.89
C GLU A 300 -2.89 4.76 -20.71
N GLY A 301 -1.56 4.80 -20.79
CA GLY A 301 -0.78 5.33 -19.67
C GLY A 301 -1.03 6.81 -19.45
N ILE A 302 -1.08 7.59 -20.54
CA ILE A 302 -1.33 9.01 -20.42
C ILE A 302 -2.69 9.28 -19.77
N PHE A 303 -3.71 8.51 -20.16
CA PHE A 303 -5.03 8.74 -19.62
C PHE A 303 -5.18 8.22 -18.19
N SER A 304 -4.41 7.21 -17.79
CA SER A 304 -4.46 6.75 -16.41
C SER A 304 -3.59 7.59 -15.48
N PHE A 305 -2.71 8.42 -16.04
CA PHE A 305 -1.86 9.28 -15.22
C PHE A 305 -2.69 10.18 -14.31
N LEU A 306 -3.82 10.68 -14.80
CA LEU A 306 -4.65 11.58 -13.98
C LEU A 306 -5.19 10.85 -12.76
N GLY A 307 -5.70 9.63 -12.95
CA GLY A 307 -6.19 8.87 -11.81
C GLY A 307 -5.09 8.55 -10.83
N TYR A 308 -3.91 8.19 -11.33
CA TYR A 308 -2.81 7.90 -10.41
C TYR A 308 -2.38 9.15 -9.64
N CYS A 309 -2.40 10.31 -10.29
CA CYS A 309 -2.10 11.57 -9.60
C CYS A 309 -3.12 11.84 -8.50
N SER A 310 -4.40 11.62 -8.78
CA SER A 310 -5.43 11.82 -7.76
C SER A 310 -5.21 10.90 -6.57
N ILE A 311 -4.89 9.62 -6.85
CA ILE A 311 -4.64 8.68 -5.75
C ILE A 311 -3.46 9.13 -4.91
N PHE A 312 -2.38 9.58 -5.57
CA PHE A 312 -1.21 10.05 -4.83
C PHE A 312 -1.54 11.25 -3.96
N LEU A 313 -2.30 12.21 -4.50
CA LEU A 313 -2.67 13.39 -3.72
C LEU A 313 -3.48 13.00 -2.49
N TRP A 314 -4.46 12.11 -2.66
CA TRP A 314 -5.28 11.72 -1.51
C TRP A 314 -4.47 10.93 -0.50
N GLY A 315 -3.51 10.13 -0.96
CA GLY A 315 -2.64 9.43 -0.02
C GLY A 315 -1.79 10.39 0.80
N GLN A 316 -1.24 11.42 0.15
CA GLN A 316 -0.48 12.44 0.88
C GLN A 316 -1.37 13.12 1.91
N ASN A 317 -2.59 13.49 1.51
CA ASN A 317 -3.49 14.19 2.44
C ASN A 317 -3.84 13.31 3.62
N THR A 318 -4.04 12.00 3.39
CA THR A 318 -4.33 11.09 4.49
C THR A 318 -3.13 10.97 5.44
N GLY A 319 -1.93 10.84 4.90
CA GLY A 319 -0.76 10.69 5.74
C GLY A 319 -0.37 11.95 6.49
N PHE A 320 -0.86 13.11 6.04
CA PHE A 320 -0.54 14.41 6.63
C PHE A 320 -0.53 14.40 8.15
N TYR A 321 -1.66 14.03 8.76
CA TYR A 321 -1.73 14.05 10.22
C TYR A 321 -1.32 12.73 10.84
N LEU A 322 -1.29 11.66 10.04
CA LEU A 322 -0.89 10.35 10.55
C LEU A 322 0.59 10.34 10.92
N LEU A 323 1.43 11.01 10.13
CA LEU A 323 2.87 10.90 10.34
C LEU A 323 3.41 11.79 11.45
N GLY A 324 2.58 12.62 12.06
CA GLY A 324 3.01 13.47 13.14
C GLY A 324 3.15 12.72 14.45
N ASN A 325 3.55 13.46 15.49
CA ASN A 325 3.70 12.89 16.83
C ASN A 325 2.76 13.50 17.86
N LYS A 326 2.29 14.73 17.65
CA LYS A 326 1.36 15.37 18.56
C LYS A 326 0.32 16.12 17.75
N PRO A 327 -0.88 16.33 18.31
CA PRO A 327 -1.89 17.10 17.59
C PRO A 327 -1.45 18.53 17.34
N THR A 328 -1.82 19.05 16.17
CA THR A 328 -1.45 20.39 15.76
C THR A 328 -2.68 21.10 15.20
N LEU A 329 -2.55 22.41 14.99
CA LEU A 329 -3.68 23.22 14.57
C LEU A 329 -4.04 22.93 13.13
N ASN A 330 -5.27 22.47 12.90
CA ASN A 330 -5.80 22.24 11.56
C ASN A 330 -4.91 21.28 10.76
N ASN A 331 -4.58 20.14 11.37
CA ASN A 331 -3.79 19.12 10.70
C ASN A 331 -4.65 18.17 9.88
N LEU A 332 -5.97 18.38 9.85
CA LEU A 332 -6.84 17.48 9.10
C LEU A 332 -6.64 17.65 7.60
N TYR A 333 -6.33 18.87 7.15
CA TYR A 333 -6.12 19.14 5.74
C TYR A 333 -4.93 20.03 5.43
N LYS A 334 -4.20 20.51 6.44
CA LYS A 334 -3.12 21.46 6.25
C LYS A 334 -1.92 21.07 7.10
N PRO A 335 -0.68 21.28 6.60
CA PRO A 335 0.50 21.02 7.42
C PRO A 335 0.80 22.19 8.35
N SER A 336 0.69 21.95 9.65
CA SER A 336 1.01 22.97 10.63
C SER A 336 1.75 22.35 11.80
N THR A 337 2.64 23.14 12.40
CA THR A 337 3.48 22.69 13.49
C THR A 337 3.15 23.37 14.82
N GLN A 338 2.13 24.21 14.86
CA GLN A 338 1.82 24.97 16.06
C GLN A 338 1.10 24.09 17.09
N ASP A 339 0.68 24.72 18.18
CA ASP A 339 0.05 24.03 19.29
C ASP A 339 -1.39 24.50 19.42
N VAL A 340 -2.27 23.60 19.90
CA VAL A 340 -3.70 23.90 19.93
C VAL A 340 -4.20 24.34 21.30
N VAL A 341 -3.49 23.99 22.38
CA VAL A 341 -4.00 24.28 23.72
C VAL A 341 -4.09 25.79 23.95
N ALA A 342 -3.16 26.55 23.39
CA ALA A 342 -3.26 28.00 23.48
C ALA A 342 -4.53 28.50 22.80
N ALA A 343 -4.87 27.92 21.66
CA ALA A 343 -6.15 28.21 21.02
C ALA A 343 -7.33 27.74 21.85
N SER A 344 -7.14 26.72 22.69
CA SER A 344 -8.25 26.14 23.44
C SER A 344 -8.76 27.08 24.53
N LYS A 345 -8.05 28.16 24.82
CA LYS A 345 -8.51 29.11 25.83
C LYS A 345 -9.85 29.72 25.44
N LYS A 346 -10.02 30.00 24.14
CA LYS A 346 -11.29 30.47 23.60
C LYS A 346 -11.57 29.77 22.28
N SER A 347 -11.36 28.46 22.23
CA SER A 347 -11.48 27.72 20.98
C SER A 347 -12.90 27.79 20.43
N SER A 348 -13.00 28.07 19.14
CA SER A 348 -14.29 28.08 18.46
C SER A 348 -14.68 26.66 18.04
N THR A 349 -15.82 26.55 17.38
CA THR A 349 -16.31 25.24 16.96
C THR A 349 -15.43 24.65 15.86
N TRP A 350 -15.03 25.47 14.89
CA TRP A 350 -14.28 24.95 13.74
C TRP A 350 -12.87 24.52 14.14
N ASP A 351 -12.18 25.36 14.91
CA ASP A 351 -10.82 25.02 15.32
C ASP A 351 -10.82 23.79 16.23
N TYR A 352 -11.90 23.59 16.99
CA TYR A 352 -11.99 22.43 17.86
C TYR A 352 -12.31 21.16 17.06
N TRP A 353 -13.16 21.28 16.04
CA TRP A 353 -13.51 20.09 15.26
C TRP A 353 -12.38 19.65 14.35
N THR A 354 -11.74 20.61 13.65
CA THR A 354 -10.82 20.25 12.59
C THR A 354 -9.52 19.68 13.13
N SER A 355 -9.03 20.19 14.26
CA SER A 355 -7.79 19.69 14.83
C SER A 355 -8.05 18.38 15.56
N VAL A 356 -7.54 17.28 15.02
CA VAL A 356 -7.90 15.94 15.49
C VAL A 356 -6.66 15.11 15.73
N THR A 357 -6.78 14.13 16.61
CA THR A 357 -5.83 13.05 16.77
C THR A 357 -6.02 12.04 15.63
N PRO A 358 -5.03 11.18 15.39
CA PRO A 358 -5.11 10.31 14.18
C PRO A 358 -6.36 9.45 14.10
N LEU A 359 -6.81 8.87 15.21
CA LEU A 359 -7.91 7.91 15.14
C LEU A 359 -9.21 8.58 14.72
N SER A 360 -9.55 9.71 15.32
CA SER A 360 -10.80 10.39 14.99
C SER A 360 -10.79 10.88 13.54
N GLY A 361 -9.67 11.41 13.07
CA GLY A 361 -9.58 11.82 11.68
C GLY A 361 -9.74 10.66 10.72
N LEU A 362 -9.11 9.53 11.05
CA LEU A 362 -9.29 8.33 10.22
C LEU A 362 -10.75 7.93 10.16
N CYS A 363 -11.43 7.96 11.31
CA CYS A 363 -12.85 7.59 11.34
C CYS A 363 -13.69 8.54 10.49
N ILE A 364 -13.44 9.85 10.59
CA ILE A 364 -14.22 10.82 9.84
C ILE A 364 -14.03 10.62 8.35
N TRP A 365 -12.78 10.51 7.91
CA TRP A 365 -12.53 10.31 6.48
C TRP A 365 -13.13 8.99 6.01
N SER A 366 -13.05 7.95 6.84
CA SER A 366 -13.61 6.66 6.46
C SER A 366 -15.11 6.74 6.23
N THR A 367 -15.84 7.38 7.16
CA THR A 367 -17.29 7.47 6.98
C THR A 367 -17.66 8.30 5.76
N ILE A 368 -16.97 9.44 5.58
CA ILE A 368 -17.29 10.30 4.43
C ILE A 368 -17.05 9.55 3.13
N PHE A 369 -15.91 8.88 3.02
CA PHE A 369 -15.60 8.15 1.79
C PHE A 369 -16.55 6.97 1.59
N LEU A 370 -16.96 6.30 2.67
CA LEU A 370 -17.89 5.19 2.53
C LEU A 370 -19.22 5.66 1.95
N VAL A 371 -19.76 6.76 2.49
CA VAL A 371 -21.03 7.26 1.99
C VAL A 371 -20.90 7.71 0.53
N ILE A 372 -19.83 8.44 0.22
CA ILE A 372 -19.65 8.94 -1.15
C ILE A 372 -19.51 7.77 -2.13
N SER A 373 -18.72 6.75 -1.75
CA SER A 373 -18.51 5.61 -2.62
C SER A 373 -19.81 4.84 -2.82
N GLN A 374 -20.62 4.70 -1.78
CA GLN A 374 -21.90 4.02 -1.92
C GLN A 374 -22.78 4.76 -2.91
N LEU A 375 -22.86 6.09 -2.80
CA LEU A 375 -23.67 6.85 -3.75
C LEU A 375 -23.17 6.68 -5.17
N VAL A 376 -21.84 6.81 -5.37
CA VAL A 376 -21.29 6.74 -6.72
C VAL A 376 -21.52 5.36 -7.32
N PHE A 377 -21.30 4.29 -6.54
CA PHE A 377 -21.55 2.95 -7.04
C PHE A 377 -23.03 2.75 -7.35
N GLN A 378 -23.92 3.37 -6.57
CA GLN A 378 -25.35 3.24 -6.85
C GLN A 378 -25.71 3.88 -8.19
N TYR A 379 -25.16 5.06 -8.48
CA TYR A 379 -25.57 5.80 -9.68
C TYR A 379 -24.53 5.82 -10.79
N HIS A 380 -23.68 4.80 -10.88
CA HIS A 380 -22.75 4.84 -12.01
C HIS A 380 -23.25 3.94 -13.14
N PRO A 381 -23.15 4.39 -14.39
CA PRO A 381 -23.62 3.57 -15.51
C PRO A 381 -22.64 2.49 -15.95
N TYR A 382 -21.34 2.73 -15.80
CA TYR A 382 -20.31 1.78 -16.18
C TYR A 382 -19.73 1.12 -14.94
N SER A 383 -18.87 0.13 -15.18
CA SER A 383 -18.19 -0.58 -14.11
C SER A 383 -16.80 0.00 -13.90
N VAL A 384 -16.07 -0.56 -12.94
CA VAL A 384 -14.71 -0.11 -12.69
C VAL A 384 -13.78 -0.64 -13.77
N SER A 385 -12.64 0.01 -13.95
CA SER A 385 -11.66 -0.40 -14.94
C SER A 385 -10.27 0.05 -14.51
N ARG A 386 -9.32 -0.89 -14.52
CA ARG A 386 -7.95 -0.55 -14.15
C ARG A 386 -7.22 0.19 -15.27
N ARG A 387 -7.54 -0.12 -16.53
CA ARG A 387 -6.84 0.51 -17.65
C ARG A 387 -7.06 2.02 -17.68
N PHE A 388 -8.29 2.45 -17.43
CA PHE A 388 -8.61 3.86 -17.48
C PHE A 388 -8.50 4.56 -16.13
N ALA A 389 -8.55 3.80 -15.03
CA ALA A 389 -8.49 4.35 -13.68
C ALA A 389 -9.53 5.44 -13.48
N ASN A 390 -10.79 5.09 -13.73
CA ASN A 390 -11.88 6.04 -13.57
C ASN A 390 -12.22 6.22 -12.10
N LEU A 391 -13.28 6.99 -11.85
CA LEU A 391 -13.62 7.38 -10.47
C LEU A 391 -13.93 6.22 -9.55
N PRO A 392 -14.77 5.25 -9.92
CA PRO A 392 -15.08 4.16 -8.97
C PRO A 392 -13.85 3.38 -8.53
N TYR A 393 -12.89 3.17 -9.41
CA TYR A 393 -11.68 2.44 -9.03
C TYR A 393 -10.93 3.16 -7.91
N THR A 394 -10.71 4.47 -8.09
CA THR A 394 -10.02 5.24 -7.07
C THR A 394 -10.80 5.27 -5.77
N LEU A 395 -12.13 5.43 -5.85
CA LEU A 395 -12.95 5.45 -4.64
C LEU A 395 -12.83 4.13 -3.89
N TRP A 396 -12.91 3.02 -4.60
CA TRP A 396 -12.82 1.70 -3.98
C TRP A 396 -11.46 1.51 -3.31
N VAL A 397 -10.39 1.87 -4.01
CA VAL A 397 -9.04 1.71 -3.46
C VAL A 397 -8.89 2.53 -2.18
N ILE A 398 -9.33 3.79 -2.23
CA ILE A 398 -9.18 4.69 -1.08
C ILE A 398 -9.97 4.16 0.11
N THR A 399 -11.21 3.75 -0.12
CA THR A 399 -12.04 3.27 0.99
C THR A 399 -11.43 2.02 1.62
N TYR A 400 -10.99 1.08 0.79
CA TYR A 400 -10.39 -0.16 1.33
C TYR A 400 -9.18 0.20 2.18
N ASN A 401 -8.26 1.00 1.63
CA ASN A 401 -7.03 1.31 2.36
C ASN A 401 -7.33 2.03 3.66
N LEU A 402 -8.30 2.95 3.66
CA LEU A 402 -8.67 3.65 4.89
C LEU A 402 -9.20 2.68 5.94
N LEU A 403 -10.05 1.74 5.51
CA LEU A 403 -10.59 0.76 6.46
C LEU A 403 -9.48 -0.07 7.09
N PHE A 404 -8.58 -0.59 6.25
CA PHE A 404 -7.46 -1.41 6.78
C PHE A 404 -6.65 -0.58 7.78
N LEU A 405 -6.26 0.63 7.38
CA LEU A 405 -5.42 1.46 8.24
C LEU A 405 -6.11 1.73 9.58
N THR A 406 -7.42 2.00 9.55
CA THR A 406 -8.15 2.20 10.79
C THR A 406 -8.13 0.96 11.66
N GLY A 407 -8.29 -0.21 11.06
CA GLY A 407 -8.22 -1.45 11.83
C GLY A 407 -6.87 -1.64 12.50
N TYR A 408 -5.80 -1.36 11.76
CA TYR A 408 -4.43 -1.57 12.31
C TYR A 408 -4.16 -0.56 13.42
N CYS A 409 -4.65 0.67 13.27
CA CYS A 409 -4.46 1.67 14.32
C CYS A 409 -5.26 1.31 15.57
N LEU A 410 -6.48 0.80 15.40
CA LEU A 410 -7.28 0.40 16.55
C LEU A 410 -6.63 -0.74 17.30
N THR A 411 -6.08 -1.73 16.58
CA THR A 411 -5.39 -2.82 17.25
C THR A 411 -4.18 -2.31 18.02
N ASP A 412 -3.39 -1.43 17.41
CA ASP A 412 -2.22 -0.90 18.10
C ASP A 412 -2.65 -0.17 19.37
N LYS A 413 -3.69 0.66 19.28
CA LYS A 413 -4.11 1.43 20.44
C LYS A 413 -4.63 0.53 21.56
N ILE A 414 -5.45 -0.48 21.22
CA ILE A 414 -6.03 -1.33 22.27
C ILE A 414 -4.94 -2.14 22.94
N PHE A 415 -3.92 -2.57 22.18
CA PHE A 415 -2.86 -3.34 22.81
C PHE A 415 -1.90 -2.48 23.62
N GLY A 416 -1.96 -1.16 23.47
CA GLY A 416 -1.30 -0.25 24.38
C GLY A 416 0.17 0.01 24.12
N ASN A 417 0.78 -0.63 23.13
CA ASN A 417 2.19 -0.39 22.86
C ASN A 417 2.36 0.90 22.07
N SER A 418 3.23 1.78 22.59
CA SER A 418 3.45 3.08 21.97
C SER A 418 4.75 3.66 22.48
N SER A 419 5.22 4.71 21.80
CA SER A 419 6.40 5.47 22.20
C SER A 419 7.65 4.59 22.26
N LYS A 423 8.87 -2.94 18.83
CA LYS A 423 9.39 -3.61 17.64
C LYS A 423 8.46 -4.72 17.18
N VAL A 424 7.97 -4.60 15.95
CA VAL A 424 7.12 -5.61 15.34
C VAL A 424 7.97 -6.85 15.03
N ALA A 425 7.30 -7.93 14.61
CA ALA A 425 7.99 -9.19 14.34
C ALA A 425 9.18 -8.99 13.42
N GLU A 426 10.13 -9.92 13.50
CA GLU A 426 11.42 -9.74 12.84
C GLU A 426 11.26 -9.64 11.32
N CYS A 427 10.43 -10.51 10.73
CA CYS A 427 10.32 -10.57 9.29
C CYS A 427 9.77 -9.28 8.70
N LEU A 428 8.81 -8.66 9.39
CA LEU A 428 8.22 -7.42 8.88
C LEU A 428 9.27 -6.31 8.80
N GLU A 429 10.06 -6.16 9.85
CA GLU A 429 11.13 -5.17 9.83
C GLU A 429 12.16 -5.48 8.75
N SER A 430 12.52 -6.77 8.62
CA SER A 430 13.54 -7.14 7.64
C SER A 430 13.08 -6.84 6.22
N ILE A 431 11.81 -7.15 5.90
CA ILE A 431 11.31 -6.87 4.55
C ILE A 431 11.14 -5.37 4.36
N ASN A 432 10.80 -4.64 5.42
CA ASN A 432 10.60 -3.20 5.28
C ASN A 432 11.92 -2.47 5.03
N SER A 433 13.02 -2.97 5.59
CA SER A 433 14.29 -2.28 5.46
C SER A 433 14.78 -2.22 4.01
N ASN A 434 14.65 -3.32 3.27
CA ASN A 434 15.26 -3.48 1.95
C ASN A 434 14.21 -3.87 0.91
N GLY A 435 13.12 -3.10 0.85
CA GLY A 435 12.01 -3.48 -0.02
C GLY A 435 12.41 -3.59 -1.49
N LEU A 436 13.14 -2.60 -1.99
CA LEU A 436 13.43 -2.55 -3.43
C LEU A 436 14.38 -3.67 -3.84
N PHE A 437 15.46 -3.86 -3.08
CA PHE A 437 16.43 -4.89 -3.43
C PHE A 437 15.80 -6.28 -3.37
N LEU A 438 15.01 -6.54 -2.33
CA LEU A 438 14.35 -7.83 -2.22
C LEU A 438 13.30 -8.02 -3.31
N PHE A 439 12.64 -6.93 -3.71
CA PHE A 439 11.70 -7.02 -4.83
C PHE A 439 12.40 -7.43 -6.11
N LEU A 440 13.55 -6.80 -6.40
CA LEU A 440 14.30 -7.16 -7.60
C LEU A 440 14.80 -8.60 -7.52
N LEU A 441 15.28 -9.02 -6.35
CA LEU A 441 15.74 -10.39 -6.19
C LEU A 441 14.59 -11.38 -6.38
N ALA A 442 13.39 -11.03 -5.88
CA ALA A 442 12.22 -11.87 -6.09
C ALA A 442 11.89 -12.00 -7.57
N ASN A 443 11.94 -10.89 -8.30
CA ASN A 443 11.65 -10.94 -9.74
C ASN A 443 12.65 -11.84 -10.45
N VAL A 444 13.93 -11.72 -10.10
CA VAL A 444 14.96 -12.54 -10.74
C VAL A 444 14.72 -14.01 -10.42
N SER A 445 14.38 -14.33 -9.17
CA SER A 445 14.16 -15.72 -8.78
C SER A 445 12.95 -16.31 -9.51
N THR A 446 11.87 -15.54 -9.63
CA THR A 446 10.71 -16.05 -10.38
C THR A 446 11.06 -16.30 -11.83
N GLY A 447 11.81 -15.38 -12.46
CA GLY A 447 12.25 -15.62 -13.82
C GLY A 447 13.07 -16.89 -13.95
N LEU A 448 14.00 -17.10 -13.04
CA LEU A 448 14.85 -18.29 -13.11
C LEU A 448 14.04 -19.57 -12.90
N VAL A 449 13.11 -19.57 -11.94
CA VAL A 449 12.35 -20.78 -11.68
C VAL A 449 11.41 -21.08 -12.84
N ASN A 450 10.90 -20.05 -13.51
CA ASN A 450 10.11 -20.27 -14.72
C ASN A 450 10.97 -20.90 -15.81
N MET A 451 12.20 -20.41 -15.98
CA MET A 451 13.09 -21.04 -16.96
C MET A 451 13.51 -22.44 -16.52
N SER A 452 13.33 -22.75 -15.24
CA SER A 452 13.80 -24.04 -14.72
C SER A 452 12.96 -25.21 -15.22
N MET A 453 11.64 -25.05 -15.23
CA MET A 453 10.74 -26.18 -15.45
C MET A 453 9.47 -25.71 -16.15
N VAL A 454 8.58 -26.65 -16.42
CA VAL A 454 7.29 -26.38 -17.03
C VAL A 454 6.26 -26.30 -15.90
N THR A 455 5.67 -25.12 -15.71
CA THR A 455 4.82 -24.89 -14.55
C THR A 455 3.47 -25.57 -14.70
N ILE A 456 2.87 -25.53 -15.89
CA ILE A 456 1.49 -25.98 -16.04
C ILE A 456 1.39 -27.49 -15.91
N ASP A 457 2.52 -28.19 -16.00
CA ASP A 457 2.55 -29.64 -15.84
C ASP A 457 2.45 -30.05 -14.38
N SER A 458 3.06 -29.31 -13.47
CA SER A 458 3.26 -29.77 -12.10
C SER A 458 1.94 -30.06 -11.39
N SER A 459 1.92 -31.16 -10.66
CA SER A 459 0.83 -31.53 -9.78
C SER A 459 0.83 -30.63 -8.55
N PRO A 460 -0.29 -30.56 -7.81
CA PRO A 460 -0.39 -29.55 -6.73
C PRO A 460 0.68 -29.69 -5.65
N LEU A 461 0.98 -30.91 -5.22
CA LEU A 461 1.95 -31.08 -4.12
C LEU A 461 3.32 -30.57 -4.51
N LYS A 462 3.76 -30.87 -5.74
CA LYS A 462 5.05 -30.42 -6.22
C LYS A 462 5.11 -28.90 -6.28
N SER A 463 4.04 -28.26 -6.74
CA SER A 463 4.00 -26.81 -6.79
C SER A 463 4.04 -26.20 -5.40
N PHE A 464 3.33 -26.81 -4.44
CA PHE A 464 3.38 -26.30 -3.07
C PHE A 464 4.77 -26.41 -2.49
N LEU A 465 5.45 -27.53 -2.74
CA LEU A 465 6.82 -27.68 -2.24
C LEU A 465 7.75 -26.66 -2.86
N VAL A 466 7.61 -26.40 -4.15
CA VAL A 466 8.45 -25.40 -4.82
C VAL A 466 8.21 -24.03 -4.20
N LEU A 467 6.94 -23.67 -3.98
CA LEU A 467 6.63 -22.38 -3.37
C LEU A 467 7.23 -22.28 -1.96
N LEU A 468 7.14 -23.36 -1.19
CA LEU A 468 7.70 -23.34 0.16
C LEU A 468 9.21 -23.13 0.14
N ALA A 469 9.91 -23.83 -0.75
CA ALA A 469 11.36 -23.66 -0.83
C ALA A 469 11.73 -22.23 -1.24
N TYR A 470 11.00 -21.68 -2.21
CA TYR A 470 11.28 -20.31 -2.64
C TYR A 470 11.06 -19.31 -1.50
N CYS A 471 9.97 -19.47 -0.75
CA CYS A 471 9.70 -18.58 0.37
C CYS A 471 10.79 -18.70 1.44
N SER A 472 11.22 -19.93 1.74
CA SER A 472 12.27 -20.12 2.72
C SER A 472 13.56 -19.44 2.29
N PHE A 473 13.92 -19.58 1.02
CA PHE A 473 15.15 -18.94 0.53
C PHE A 473 15.07 -17.42 0.67
N ILE A 474 13.94 -16.84 0.27
CA ILE A 474 13.80 -15.38 0.35
C ILE A 474 13.87 -14.92 1.80
N ALA A 475 13.18 -15.62 2.70
CA ALA A 475 13.19 -15.22 4.11
C ALA A 475 14.58 -15.31 4.70
N VAL A 476 15.32 -16.37 4.39
CA VAL A 476 16.67 -16.54 4.92
C VAL A 476 17.56 -15.40 4.43
N ILE A 477 17.49 -15.08 3.13
CA ILE A 477 18.31 -13.99 2.61
C ILE A 477 17.97 -12.68 3.30
N SER A 478 16.68 -12.40 3.47
CA SER A 478 16.28 -11.13 4.08
C SER A 478 16.78 -11.01 5.51
N VAL A 479 16.61 -12.08 6.30
CA VAL A 479 17.05 -12.04 7.69
C VAL A 479 18.56 -11.89 7.77
N PHE A 480 19.30 -12.61 6.93
CA PHE A 480 20.75 -12.49 6.93
C PHE A 480 21.20 -11.08 6.57
N LEU A 481 20.52 -10.45 5.60
CA LEU A 481 20.88 -9.09 5.23
C LEU A 481 20.60 -8.12 6.37
N TYR A 482 19.47 -8.28 7.05
CA TYR A 482 19.14 -7.35 8.12
C TYR A 482 20.05 -7.51 9.34
N ARG A 483 20.39 -8.75 9.69
CA ARG A 483 21.15 -8.98 10.92
C ARG A 483 22.53 -8.33 10.87
N LYS A 484 23.22 -8.45 9.74
CA LYS A 484 24.56 -7.89 9.63
C LYS A 484 24.55 -6.37 9.46
N ARG A 485 23.38 -5.73 9.54
CA ARG A 485 23.25 -4.29 9.44
C ARG A 485 23.82 -3.77 8.13
N ILE A 486 23.47 -4.40 7.02
CA ILE A 486 23.87 -3.96 5.69
C ILE A 486 22.62 -3.53 4.94
N PHE A 487 22.58 -2.27 4.52
CA PHE A 487 21.43 -1.70 3.82
C PHE A 487 21.87 -1.33 2.41
N ILE A 488 21.16 -1.83 1.41
CA ILE A 488 21.51 -1.63 0.02
C ILE A 488 20.39 -0.87 -0.66
N LYS A 489 20.74 0.23 -1.33
CA LYS A 489 19.78 1.06 -2.05
C LYS A 489 20.16 1.09 -3.53
N LEU A 490 19.19 0.77 -4.39
CA LEU A 490 19.41 0.79 -5.83
C LEU A 490 18.42 1.72 -6.53
C10 A1LVI B . -3.13 -5.46 -0.77
C13 A1LVI B . 0.36 -7.19 -4.89
C15 A1LVI B . -1.76 -5.30 -0.89
C17 A1LVI B . -3.97 -4.43 -0.02
C20 A1LVI B . 1.34 -5.01 -7.02
C21 A1LVI B . 2.10 -4.38 -7.98
C22 A1LVI B . -2.99 -4.52 2.14
C24 A1LVI B . -2.49 -3.88 3.25
C26 A1LVI B . -3.12 -6.50 3.30
C07 A1LVI B . -0.85 -8.40 -2.88
C08 A1LVI B . -1.65 -7.35 -2.14
C09 A1LVI B . -0.71 -7.96 -4.34
C11 A1LVI B . -3.02 -7.50 -2.00
C12 A1LVI B . -1.02 -6.25 -1.58
C14 A1LVI B . -3.76 -6.55 -1.32
C16 A1LVI B . 0.02 -7.03 -6.24
C18 A1LVI B . 0.86 -6.29 -7.27
C19 A1LVI B . 1.17 -6.87 -8.48
C23 A1LVI B . 2.37 -5.02 -9.18
C25 A1LVI B . -2.29 -4.57 4.44
C27 A1LVI B . -2.62 -5.91 4.45
N03 A1LVI B . -1.56 -8.17 -5.33
N04 A1LVI B . 1.90 -6.24 -9.37
N05 A1LVI B . 0.68 -8.21 -8.77
N06 A1LVI B . -3.29 -5.80 2.19
O01 A1LVI B . -1.12 -7.62 -6.44
O02 A1LVI B . -3.17 -3.79 0.95
#